data_5JXB
#
_entry.id   5JXB
#
_cell.length_a   70.286
_cell.length_b   71.094
_cell.length_c   115.791
_cell.angle_alpha   90.00
_cell.angle_beta   90.00
_cell.angle_gamma   90.00
#
_symmetry.space_group_name_H-M   'C 2 2 21'
#
loop_
_entity.id
_entity.type
_entity.pdbx_description
1 polymer 'Disks large homolog 4,SynGAP'
2 water water
#
_entity_poly.entity_id   1
_entity_poly.type   'polypeptide(L)'
_entity_poly.pdbx_seq_one_letter_code
;EFREPRRIVIHRGSTGLGFNIVGGEDGEGIFISFILAGGPADLSGELRKGDQILSVNGVDLRNASHEQAAIALKNAGQTV
TIIAQYKPEEYSRFEAKIHDLREQLMNGSGSGSFPPWVQQTRV
;
_entity_poly.pdbx_strand_id   A,C
#
# COMPACT_ATOMS: atom_id res chain seq x y z
N PHE A 2 10.97 3.72 14.01
CA PHE A 2 10.73 5.15 14.07
C PHE A 2 9.82 5.55 12.94
N ARG A 3 10.32 5.34 11.73
CA ARG A 3 9.66 5.74 10.50
C ARG A 3 8.45 4.89 10.17
N GLU A 4 7.45 5.50 9.53
CA GLU A 4 6.29 4.75 9.09
C GLU A 4 6.61 4.44 7.66
N PRO A 5 6.28 3.25 7.19
CA PRO A 5 6.41 2.90 5.78
C PRO A 5 5.58 3.85 4.92
N ARG A 6 6.01 3.98 3.68
CA ARG A 6 5.31 4.85 2.78
C ARG A 6 4.97 4.03 1.55
N ARG A 7 3.67 3.94 1.28
CA ARG A 7 3.16 3.37 0.04
C ARG A 7 3.58 4.23 -1.13
N ILE A 8 3.99 3.57 -2.20
CA ILE A 8 4.19 4.22 -3.49
C ILE A 8 3.72 3.28 -4.58
N VAL A 9 3.21 3.88 -5.65
CA VAL A 9 3.02 3.20 -6.91
C VAL A 9 3.90 3.88 -7.95
N ILE A 10 4.33 3.11 -8.95
CA ILE A 10 5.10 3.62 -10.08
C ILE A 10 4.90 2.73 -11.30
N HIS A 11 4.91 3.36 -12.50
CA HIS A 11 4.74 2.76 -13.82
C HIS A 11 6.08 2.70 -14.54
N ARG A 12 6.44 1.52 -15.07
CA ARG A 12 7.77 1.27 -15.64
C ARG A 12 8.09 2.26 -16.76
N GLY A 13 9.38 2.49 -16.99
CA GLY A 13 9.83 3.26 -18.12
C GLY A 13 10.37 2.40 -19.25
N SER A 14 10.87 3.08 -20.28
CA SER A 14 11.82 2.45 -21.18
C SER A 14 13.05 1.97 -20.40
N THR A 15 13.21 2.44 -19.16
CA THR A 15 14.19 1.92 -18.22
C THR A 15 13.68 0.69 -17.47
N GLY A 16 12.43 0.70 -17.03
CA GLY A 16 12.02 -0.08 -15.88
C GLY A 16 11.85 0.81 -14.66
N LEU A 17 11.80 0.16 -13.50
CA LEU A 17 11.48 0.89 -12.28
C LEU A 17 12.55 1.90 -11.89
N GLY A 18 13.80 1.66 -12.26
CA GLY A 18 14.85 2.61 -11.98
C GLY A 18 15.46 2.64 -10.59
N PHE A 19 15.80 1.48 -10.04
CA PHE A 19 16.63 1.44 -8.84
C PHE A 19 17.29 0.07 -8.76
N ASN A 20 18.39 0.02 -8.01
CA ASN A 20 19.15 -1.21 -7.81
C ASN A 20 18.84 -1.80 -6.45
N ILE A 21 18.78 -3.13 -6.40
CA ILE A 21 18.34 -3.82 -5.20
C ILE A 21 19.47 -4.67 -4.64
N VAL A 22 19.46 -4.84 -3.32
CA VAL A 22 20.39 -5.70 -2.61
C VAL A 22 19.68 -6.33 -1.42
N GLY A 23 20.23 -7.44 -0.96
CA GLY A 23 19.95 -7.93 0.37
C GLY A 23 19.04 -9.15 0.37
N GLY A 24 18.84 -9.67 1.57
CA GLY A 24 17.91 -10.76 1.83
C GLY A 24 18.25 -12.11 1.23
N GLU A 25 19.53 -12.46 1.14
CA GLU A 25 19.90 -13.82 0.77
C GLU A 25 20.02 -14.78 1.96
N ASP A 26 20.22 -14.27 3.17
CA ASP A 26 20.09 -15.12 4.34
C ASP A 26 19.34 -14.43 5.46
N GLY A 27 20.03 -13.50 6.14
CA GLY A 27 19.51 -12.78 7.28
C GLY A 27 19.25 -11.32 7.04
N GLU A 28 19.57 -10.85 5.85
CA GLU A 28 19.29 -9.47 5.47
C GLU A 28 17.90 -9.41 4.84
N GLY A 29 17.60 -8.29 4.20
CA GLY A 29 16.30 -8.01 3.65
C GLY A 29 16.56 -7.16 2.44
N ILE A 30 15.50 -6.69 1.80
CA ILE A 30 15.59 -6.19 0.44
C ILE A 30 15.61 -4.67 0.46
N PHE A 31 16.67 -4.09 -0.11
CA PHE A 31 16.98 -2.68 0.10
C PHE A 31 17.36 -2.00 -1.20
N ILE A 32 17.14 -0.68 -1.24
CA ILE A 32 17.36 0.11 -2.44
C ILE A 32 18.78 0.61 -2.39
N SER A 33 19.62 0.08 -3.27
CA SER A 33 21.03 0.45 -3.31
C SER A 33 21.25 1.75 -4.06
N PHE A 34 20.57 1.93 -5.18
CA PHE A 34 20.88 3.01 -6.10
C PHE A 34 19.61 3.61 -6.67
N ILE A 35 19.41 4.90 -6.43
CA ILE A 35 18.40 5.66 -7.16
C ILE A 35 19.11 6.26 -8.36
N LEU A 36 18.74 5.83 -9.56
CA LEU A 36 19.30 6.46 -10.74
C LEU A 36 18.85 7.91 -10.78
N ALA A 37 19.68 8.75 -11.40
CA ALA A 37 19.38 10.17 -11.47
C ALA A 37 18.27 10.40 -12.49
N GLY A 38 17.17 11.00 -12.05
CA GLY A 38 16.14 11.49 -12.95
C GLY A 38 15.13 10.49 -13.45
N GLY A 39 15.35 9.18 -13.24
CA GLY A 39 14.46 8.17 -13.77
C GLY A 39 13.18 8.02 -12.97
N PRO A 40 12.44 6.93 -13.21
CA PRO A 40 11.12 6.81 -12.55
C PRO A 40 11.24 6.57 -11.06
N ALA A 41 12.18 7.28 -10.42
CA ALA A 41 12.40 7.29 -8.98
C ALA A 41 12.60 8.74 -8.56
N ASP A 42 13.70 9.32 -9.05
CA ASP A 42 14.06 10.70 -8.77
C ASP A 42 12.99 11.69 -9.25
N LEU A 43 12.32 11.39 -10.36
CA LEU A 43 11.22 12.25 -10.83
C LEU A 43 10.12 12.30 -9.80
N SER A 44 9.75 11.14 -9.27
CA SER A 44 8.96 11.12 -8.06
C SER A 44 9.83 11.53 -6.87
N GLY A 45 10.86 10.74 -6.58
CA GLY A 45 11.73 11.09 -5.48
C GLY A 45 11.19 10.70 -4.13
N GLU A 46 10.09 9.94 -4.08
CA GLU A 46 9.58 9.46 -2.80
C GLU A 46 10.45 8.35 -2.24
N LEU A 47 11.38 7.84 -3.03
CA LEU A 47 12.28 6.83 -2.58
C LEU A 47 13.68 7.37 -2.58
N ARG A 48 14.51 6.73 -1.77
CA ARG A 48 15.90 7.08 -1.65
C ARG A 48 16.66 5.77 -1.57
N LYS A 49 17.99 5.85 -1.65
CA LYS A 49 18.82 4.70 -1.32
C LYS A 49 18.71 4.45 0.17
N GLY A 50 18.38 3.23 0.55
CA GLY A 50 18.21 2.90 1.96
C GLY A 50 16.80 2.61 2.42
N ASP A 51 15.78 2.82 1.60
CA ASP A 51 14.49 2.24 1.94
C ASP A 51 14.55 0.73 1.76
N GLN A 52 14.02 0.00 2.73
CA GLN A 52 13.76 -1.41 2.49
C GLN A 52 12.40 -1.54 1.82
N ILE A 53 12.30 -2.50 0.91
CA ILE A 53 11.07 -2.76 0.16
C ILE A 53 10.32 -3.84 0.90
N LEU A 54 9.21 -3.46 1.49
CA LEU A 54 8.47 -4.38 2.34
C LEU A 54 7.47 -5.22 1.55
N SER A 55 6.88 -4.62 0.52
CA SER A 55 5.75 -5.20 -0.20
C SER A 55 5.93 -4.92 -1.67
N VAL A 56 5.49 -5.85 -2.50
CA VAL A 56 5.29 -5.52 -3.90
C VAL A 56 3.93 -6.07 -4.31
N ASN A 57 2.97 -5.17 -4.58
CA ASN A 57 1.59 -5.60 -4.75
C ASN A 57 1.15 -6.61 -3.71
N GLY A 58 1.44 -6.34 -2.44
CA GLY A 58 0.90 -7.17 -1.40
C GLY A 58 1.63 -8.47 -1.14
N VAL A 59 2.49 -8.95 -2.05
CA VAL A 59 3.36 -10.05 -1.65
C VAL A 59 4.43 -9.48 -0.74
N ASP A 60 4.77 -10.24 0.28
CA ASP A 60 5.54 -9.73 1.41
C ASP A 60 7.02 -10.02 1.20
N LEU A 61 7.81 -8.97 1.04
CA LEU A 61 9.25 -9.12 0.89
C LEU A 61 10.02 -8.93 2.21
N ARG A 62 9.30 -8.78 3.34
CA ARG A 62 9.92 -8.62 4.65
C ARG A 62 11.05 -9.64 4.88
N ASN A 63 10.74 -10.92 4.70
CA ASN A 63 11.69 -12.03 4.81
C ASN A 63 12.21 -12.52 3.46
N ALA A 64 11.89 -11.84 2.35
CA ALA A 64 12.03 -12.43 1.03
C ALA A 64 13.49 -12.71 0.65
N SER A 65 13.62 -13.64 -0.31
CA SER A 65 14.89 -14.04 -0.90
C SER A 65 15.23 -13.16 -2.10
N HIS A 66 16.53 -12.90 -2.27
CA HIS A 66 16.97 -11.88 -3.22
C HIS A 66 16.43 -12.11 -4.62
N GLU A 67 16.35 -13.37 -5.05
CA GLU A 67 15.73 -13.69 -6.32
C GLU A 67 14.23 -13.86 -6.25
N GLN A 68 13.65 -14.25 -5.12
CA GLN A 68 12.20 -14.05 -4.99
C GLN A 68 11.88 -12.57 -5.10
N ALA A 69 12.52 -11.75 -4.26
CA ALA A 69 12.35 -10.31 -4.37
C ALA A 69 12.41 -9.88 -5.83
N ALA A 70 13.30 -10.51 -6.60
CA ALA A 70 13.53 -10.20 -8.01
C ALA A 70 12.44 -10.72 -8.93
N ILE A 71 12.05 -11.99 -8.81
CA ILE A 71 10.95 -12.48 -9.65
C ILE A 71 9.73 -11.61 -9.42
N ALA A 72 9.47 -11.25 -8.17
CA ALA A 72 8.28 -10.46 -7.85
C ALA A 72 8.29 -9.12 -8.58
N LEU A 73 9.41 -8.40 -8.51
CA LEU A 73 9.41 -6.99 -8.82
C LEU A 73 9.64 -6.67 -10.30
N LYS A 74 10.16 -7.60 -11.11
CA LYS A 74 9.99 -7.50 -12.56
C LYS A 74 8.67 -8.09 -13.01
N ASN A 75 8.30 -9.24 -12.44
CA ASN A 75 6.93 -9.71 -12.57
C ASN A 75 5.94 -8.67 -12.03
N ALA A 76 6.41 -7.76 -11.19
CA ALA A 76 5.56 -6.85 -10.44
C ALA A 76 4.49 -6.22 -11.30
N GLY A 77 4.88 -5.51 -12.35
CA GLY A 77 3.91 -5.49 -13.40
C GLY A 77 3.66 -4.20 -14.15
N GLN A 78 2.41 -4.18 -14.63
CA GLN A 78 1.68 -3.05 -15.16
C GLN A 78 2.08 -1.84 -14.34
N THR A 79 1.70 -1.90 -13.07
CA THR A 79 2.16 -1.11 -11.96
C THR A 79 1.90 -1.76 -10.66
N VAL A 80 2.68 -1.32 -9.70
CA VAL A 80 3.02 -2.10 -8.55
C VAL A 80 2.95 -1.19 -7.35
N THR A 81 2.03 -1.51 -6.47
CA THR A 81 1.93 -0.82 -5.21
C THR A 81 3.03 -1.40 -4.33
N ILE A 82 3.93 -0.54 -3.91
CA ILE A 82 5.06 -0.89 -3.07
C ILE A 82 4.90 -0.12 -1.77
N ILE A 83 5.50 -0.63 -0.70
CA ILE A 83 5.63 0.18 0.50
C ILE A 83 7.09 0.17 0.90
N ALA A 84 7.63 1.35 1.11
CA ALA A 84 9.00 1.51 1.52
C ALA A 84 8.99 1.88 2.98
N GLN A 85 9.77 1.17 3.77
CA GLN A 85 10.10 1.60 5.10
C GLN A 85 11.47 2.21 5.00
N TYR A 86 11.56 3.51 5.19
CA TYR A 86 12.90 4.06 5.20
C TYR A 86 13.63 3.63 6.48
N LYS A 87 14.84 3.09 6.34
CA LYS A 87 15.61 2.53 7.46
C LYS A 87 17.07 2.89 7.31
N PRO A 88 17.47 4.13 7.62
CA PRO A 88 18.86 4.53 7.38
C PRO A 88 19.84 3.81 8.29
N GLU A 89 19.51 3.71 9.58
CA GLU A 89 20.47 3.17 10.53
C GLU A 89 20.84 1.73 10.17
N GLU A 90 19.88 0.97 9.65
CA GLU A 90 20.14 -0.43 9.34
C GLU A 90 20.80 -0.65 7.99
N TYR A 91 20.71 0.31 7.06
CA TYR A 91 21.36 0.12 5.76
C TYR A 91 22.83 0.53 5.78
N SER A 92 23.24 1.38 6.73
CA SER A 92 24.66 1.64 6.94
C SER A 92 25.35 0.47 7.64
N ARG A 93 24.61 -0.23 8.52
CA ARG A 93 24.99 -1.48 9.15
C ARG A 93 25.19 -2.59 8.11
N PHE A 94 25.02 -2.24 6.84
CA PHE A 94 25.34 -3.12 5.72
C PHE A 94 26.49 -2.54 4.89
N GLU A 95 26.31 -1.34 4.36
CA GLU A 95 27.25 -0.78 3.39
C GLU A 95 28.67 -0.78 3.90
N ALA A 96 28.87 -0.58 5.19
CA ALA A 96 30.23 -0.51 5.72
C ALA A 96 30.83 -1.89 5.93
N LYS A 97 30.03 -2.81 6.45
CA LYS A 97 30.47 -4.20 6.59
C LYS A 97 31.07 -4.70 5.28
N ILE A 98 30.41 -4.40 4.17
CA ILE A 98 30.96 -4.72 2.85
C ILE A 98 32.31 -4.04 2.67
N HIS A 99 32.33 -2.72 2.85
CA HIS A 99 33.54 -1.93 2.68
C HIS A 99 34.65 -2.42 3.60
N ASP A 100 34.32 -2.71 4.85
CA ASP A 100 35.30 -3.28 5.77
C ASP A 100 35.68 -4.69 5.33
N LEU A 101 34.68 -5.52 5.04
CA LEU A 101 34.95 -6.80 4.41
C LEU A 101 35.91 -6.62 3.27
N ARG A 102 35.63 -5.61 2.45
CA ARG A 102 36.37 -5.35 1.21
C ARG A 102 37.80 -4.93 1.50
N GLU A 103 37.99 -4.02 2.46
CA GLU A 103 39.36 -3.64 2.78
C GLU A 103 40.14 -4.82 3.35
N GLN A 104 39.46 -5.74 4.02
CA GLN A 104 40.18 -6.85 4.62
C GLN A 104 40.73 -7.81 3.58
N LEU A 105 39.96 -8.13 2.54
CA LEU A 105 40.43 -9.17 1.62
C LEU A 105 41.36 -8.65 0.54
N MET A 106 41.36 -7.35 0.25
CA MET A 106 42.33 -6.80 -0.70
C MET A 106 43.60 -6.35 0.00
N ASN A 107 43.72 -6.60 1.30
CA ASN A 107 44.96 -6.42 2.06
C ASN A 107 45.21 -4.94 2.31
N SER A 113 31.32 1.94 -6.39
CA SER A 113 30.64 1.77 -5.12
C SER A 113 30.69 0.32 -4.68
N PHE A 114 29.77 -0.42 -5.21
CA PHE A 114 29.62 -1.75 -4.63
C PHE A 114 30.45 -2.75 -5.40
N PRO A 115 31.19 -3.60 -4.70
CA PRO A 115 31.99 -4.60 -5.33
C PRO A 115 31.07 -5.63 -6.05
N PRO A 116 31.50 -6.16 -7.18
CA PRO A 116 30.62 -7.04 -7.94
C PRO A 116 30.20 -8.27 -7.16
N TRP A 117 31.11 -8.84 -6.37
CA TRP A 117 30.76 -9.99 -5.54
C TRP A 117 29.70 -9.66 -4.51
N VAL A 118 29.29 -8.40 -4.37
CA VAL A 118 28.11 -8.14 -3.55
C VAL A 118 26.87 -8.26 -4.41
N GLN A 119 25.99 -9.18 -4.02
CA GLN A 119 24.85 -9.54 -4.85
C GLN A 119 23.95 -8.33 -4.93
N GLN A 120 23.77 -7.80 -6.15
CA GLN A 120 22.81 -6.74 -6.37
C GLN A 120 22.24 -6.90 -7.76
N THR A 121 20.95 -6.69 -7.86
CA THR A 121 20.13 -6.95 -9.02
C THR A 121 19.46 -5.71 -9.64
N ARG A 122 19.72 -5.39 -10.90
CA ARG A 122 19.11 -4.22 -11.49
C ARG A 122 17.65 -4.48 -11.82
N VAL A 123 16.80 -3.49 -11.54
CA VAL A 123 15.39 -3.59 -11.87
C VAL A 123 14.78 -2.24 -12.26
N GLU B 1 -21.43 -16.98 6.72
CA GLU B 1 -22.82 -16.53 6.60
C GLU B 1 -22.93 -15.13 5.99
N PHE B 2 -23.65 -15.02 4.87
CA PHE B 2 -23.81 -13.81 4.07
C PHE B 2 -25.18 -13.19 4.34
N ARG B 3 -25.25 -11.85 4.32
CA ARG B 3 -26.49 -11.16 4.67
C ARG B 3 -26.93 -10.16 3.61
N GLU B 4 -28.19 -9.75 3.77
CA GLU B 4 -28.94 -9.13 2.70
C GLU B 4 -28.51 -7.71 2.40
N PRO B 5 -28.09 -7.42 1.18
CA PRO B 5 -27.72 -6.06 0.82
C PRO B 5 -28.89 -5.12 0.98
N ARG B 6 -28.55 -3.85 1.04
CA ARG B 6 -29.55 -2.82 1.17
C ARG B 6 -29.23 -1.70 0.21
N ARG B 7 -30.31 -1.11 -0.31
CA ARG B 7 -30.24 0.08 -1.13
C ARG B 7 -30.37 1.29 -0.22
N ILE B 8 -29.36 2.15 -0.22
CA ILE B 8 -29.23 3.23 0.74
C ILE B 8 -29.36 4.57 0.03
N VAL B 9 -30.20 5.45 0.60
CA VAL B 9 -30.54 6.75 0.03
C VAL B 9 -29.93 7.85 0.91
N ILE B 10 -28.95 8.59 0.37
CA ILE B 10 -28.11 9.53 1.12
C ILE B 10 -27.78 10.74 0.24
N HIS B 11 -27.63 11.90 0.88
CA HIS B 11 -27.22 13.15 0.19
C HIS B 11 -26.05 13.94 0.83
N ARG B 12 -25.28 14.61 -0.02
CA ARG B 12 -23.96 15.15 0.26
C ARG B 12 -24.11 16.32 1.21
N GLY B 13 -23.06 16.63 1.94
CA GLY B 13 -23.21 17.67 2.90
C GLY B 13 -21.92 18.38 3.07
N SER B 14 -22.00 19.70 3.15
CA SER B 14 -20.99 20.53 3.77
C SER B 14 -19.69 20.16 3.11
N THR B 15 -18.70 19.85 3.93
CA THR B 15 -17.50 19.14 3.57
C THR B 15 -17.66 17.68 3.11
N GLY B 16 -18.53 16.92 3.73
CA GLY B 16 -18.43 15.46 3.62
C GLY B 16 -19.75 14.71 3.65
N LEU B 17 -19.71 13.44 3.13
CA LEU B 17 -20.89 12.56 3.15
C LEU B 17 -20.92 11.70 4.41
N GLY B 18 -19.91 11.80 5.28
CA GLY B 18 -19.96 11.20 6.59
C GLY B 18 -19.12 9.95 6.87
N PHE B 19 -18.20 9.55 5.98
CA PHE B 19 -17.35 8.40 6.26
C PHE B 19 -16.11 8.44 5.38
N ASN B 20 -15.34 7.34 5.38
CA ASN B 20 -14.37 7.09 4.34
C ASN B 20 -14.29 5.60 4.00
N ILE B 21 -13.49 5.31 3.00
CA ILE B 21 -13.45 3.99 2.40
C ILE B 21 -12.05 3.40 2.35
N VAL B 22 -12.01 2.07 2.35
CA VAL B 22 -10.81 1.27 2.29
C VAL B 22 -11.04 0.22 1.21
N GLY B 23 -9.97 -0.48 0.87
CA GLY B 23 -10.09 -1.59 -0.06
C GLY B 23 -9.78 -1.19 -1.48
N GLY B 24 -9.91 -2.18 -2.37
CA GLY B 24 -9.67 -2.00 -3.79
C GLY B 24 -8.40 -2.67 -4.30
N GLU B 25 -7.45 -2.97 -3.42
CA GLU B 25 -6.33 -3.79 -3.77
C GLU B 25 -6.76 -5.26 -3.82
N ASP B 26 -5.96 -6.06 -4.54
CA ASP B 26 -6.14 -7.52 -4.62
C ASP B 26 -7.55 -7.90 -5.06
N GLY B 27 -8.21 -7.01 -5.81
CA GLY B 27 -9.60 -7.22 -6.19
C GLY B 27 -10.57 -7.39 -5.04
N GLU B 28 -10.16 -7.01 -3.82
CA GLU B 28 -10.88 -7.39 -2.61
C GLU B 28 -12.29 -6.79 -2.58
N GLY B 29 -12.39 -5.49 -2.63
CA GLY B 29 -13.67 -4.83 -2.53
C GLY B 29 -13.45 -3.49 -1.85
N ILE B 30 -14.51 -2.72 -1.76
CA ILE B 30 -14.42 -1.42 -1.11
C ILE B 30 -15.25 -1.44 0.15
N PHE B 31 -14.65 -1.00 1.24
CA PHE B 31 -15.29 -1.02 2.54
C PHE B 31 -15.23 0.37 3.11
N ILE B 32 -16.25 0.77 3.84
CA ILE B 32 -15.98 1.94 4.63
C ILE B 32 -15.08 1.52 5.76
N SER B 33 -14.45 2.52 6.35
CA SER B 33 -13.72 2.31 7.57
C SER B 33 -14.51 2.85 8.75
N PHE B 34 -14.64 4.17 8.80
CA PHE B 34 -15.40 4.84 9.84
C PHE B 34 -16.31 5.85 9.18
N ILE B 35 -17.31 6.27 9.94
CA ILE B 35 -18.30 7.23 9.48
C ILE B 35 -18.20 8.49 10.37
N LEU B 36 -17.78 9.64 9.78
CA LEU B 36 -17.64 10.85 10.61
C LEU B 36 -18.92 11.10 11.36
N ALA B 37 -18.84 11.14 12.68
CA ALA B 37 -20.01 11.26 13.51
C ALA B 37 -20.58 12.67 13.43
N GLY B 38 -21.90 12.76 13.37
CA GLY B 38 -22.57 14.00 13.04
C GLY B 38 -22.63 14.32 11.56
N GLY B 39 -22.10 13.44 10.70
CA GLY B 39 -22.11 13.67 9.28
C GLY B 39 -23.27 12.98 8.60
N PRO B 40 -23.52 13.32 7.33
CA PRO B 40 -24.72 12.78 6.64
C PRO B 40 -24.88 11.27 6.77
N ALA B 41 -23.80 10.52 6.55
CA ALA B 41 -23.89 9.07 6.67
C ALA B 41 -24.05 8.65 8.13
N ASP B 42 -23.33 9.31 9.04
CA ASP B 42 -23.60 9.08 10.45
C ASP B 42 -24.97 9.63 10.82
N LEU B 43 -25.26 10.89 10.42
CA LEU B 43 -26.54 11.49 10.78
C LEU B 43 -27.70 10.65 10.27
N SER B 44 -27.53 9.99 9.13
CA SER B 44 -28.60 9.14 8.62
C SER B 44 -28.68 7.80 9.34
N GLY B 45 -27.59 7.34 9.95
CA GLY B 45 -27.63 6.07 10.65
C GLY B 45 -28.13 4.90 9.80
N GLU B 46 -28.00 5.01 8.47
CA GLU B 46 -28.15 3.87 7.58
C GLU B 46 -26.81 3.27 7.16
N LEU B 47 -25.71 3.89 7.54
CA LEU B 47 -24.40 3.32 7.29
C LEU B 47 -23.65 3.19 8.62
N ARG B 48 -22.80 2.17 8.66
CA ARG B 48 -22.23 1.55 9.83
C ARG B 48 -20.78 1.35 9.43
N LYS B 49 -19.98 0.68 10.26
CA LYS B 49 -18.54 0.57 10.03
C LYS B 49 -18.19 -0.84 9.55
N GLY B 50 -17.58 -0.94 8.37
CA GLY B 50 -17.28 -2.24 7.79
C GLY B 50 -18.21 -2.81 6.73
N ASP B 51 -18.86 -1.98 5.94
CA ASP B 51 -19.54 -2.49 4.75
C ASP B 51 -18.59 -2.82 3.64
N GLN B 52 -19.09 -3.59 2.70
CA GLN B 52 -18.64 -3.46 1.33
C GLN B 52 -19.64 -2.59 0.58
N ILE B 53 -19.13 -1.73 -0.28
CA ILE B 53 -19.95 -0.92 -1.17
C ILE B 53 -20.07 -1.70 -2.46
N LEU B 54 -21.24 -2.25 -2.73
CA LEU B 54 -21.32 -3.10 -3.91
C LEU B 54 -21.48 -2.29 -5.19
N SER B 55 -22.36 -1.28 -5.17
CA SER B 55 -22.59 -0.42 -6.32
C SER B 55 -22.97 0.97 -5.83
N VAL B 56 -22.57 1.98 -6.58
CA VAL B 56 -22.99 3.35 -6.31
C VAL B 56 -23.50 3.94 -7.60
N ASN B 57 -24.71 4.48 -7.58
CA ASN B 57 -25.40 4.87 -8.80
C ASN B 57 -25.27 3.74 -9.82
N GLY B 58 -25.59 2.53 -9.36
CA GLY B 58 -25.62 1.38 -10.23
C GLY B 58 -24.30 0.98 -10.85
N VAL B 59 -23.21 1.63 -10.43
CA VAL B 59 -21.87 1.26 -10.89
C VAL B 59 -21.42 0.08 -10.04
N ASP B 60 -21.17 -1.05 -10.69
CA ASP B 60 -20.74 -2.24 -9.96
C ASP B 60 -19.32 -2.04 -9.43
N LEU B 61 -19.18 -2.09 -8.11
CA LEU B 61 -17.88 -1.89 -7.47
C LEU B 61 -17.24 -3.14 -6.89
N ARG B 62 -17.85 -4.32 -7.01
CA ARG B 62 -17.38 -5.49 -6.26
C ARG B 62 -15.91 -5.78 -6.48
N ASN B 63 -15.48 -5.84 -7.73
CA ASN B 63 -14.10 -6.16 -8.06
C ASN B 63 -13.26 -4.91 -8.32
N ALA B 64 -13.80 -3.72 -8.07
CA ALA B 64 -13.18 -2.44 -8.42
C ALA B 64 -12.00 -2.05 -7.51
N SER B 65 -11.22 -1.08 -8.01
CA SER B 65 -10.04 -0.46 -7.40
C SER B 65 -10.41 0.50 -6.27
N HIS B 66 -9.39 1.14 -5.64
CA HIS B 66 -9.69 2.11 -4.59
C HIS B 66 -10.08 3.46 -5.16
N GLU B 67 -9.27 4.03 -6.06
CA GLU B 67 -9.55 5.39 -6.48
C GLU B 67 -10.81 5.48 -7.31
N GLN B 68 -11.11 4.47 -8.11
CA GLN B 68 -12.41 4.43 -8.78
C GLN B 68 -13.54 4.62 -7.80
N ALA B 69 -13.46 3.90 -6.67
CA ALA B 69 -14.43 4.13 -5.61
C ALA B 69 -14.32 5.54 -5.06
N ALA B 70 -13.10 5.97 -4.71
CA ALA B 70 -12.91 7.28 -4.10
C ALA B 70 -13.62 8.36 -4.91
N ILE B 71 -13.50 8.30 -6.24
CA ILE B 71 -14.20 9.26 -7.08
C ILE B 71 -15.69 8.92 -7.15
N ALA B 72 -16.03 7.65 -7.38
CA ALA B 72 -17.44 7.26 -7.39
C ALA B 72 -18.16 7.84 -6.18
N LEU B 73 -17.46 7.95 -5.05
CA LEU B 73 -17.97 8.63 -3.87
C LEU B 73 -17.82 10.14 -3.99
N LYS B 74 -16.67 10.66 -4.33
CA LYS B 74 -16.64 12.07 -4.58
C LYS B 74 -17.42 12.36 -5.87
N ASN B 75 -17.20 11.50 -6.85
CA ASN B 75 -17.66 11.79 -8.20
C ASN B 75 -19.16 11.89 -8.48
N ALA B 76 -19.99 11.03 -7.89
CA ALA B 76 -21.35 10.88 -8.39
C ALA B 76 -22.18 12.15 -8.31
N GLY B 77 -22.18 12.78 -7.16
CA GLY B 77 -23.02 13.94 -6.97
C GLY B 77 -24.45 13.59 -6.63
N GLN B 78 -25.20 14.62 -6.33
CA GLN B 78 -25.47 15.18 -5.06
C GLN B 78 -26.29 14.28 -4.15
N THR B 79 -27.35 13.68 -4.67
CA THR B 79 -27.92 12.46 -4.13
C THR B 79 -27.30 11.27 -4.87
N VAL B 80 -26.98 10.21 -4.12
CA VAL B 80 -26.34 9.02 -4.69
C VAL B 80 -26.93 7.77 -4.04
N THR B 81 -26.79 6.67 -4.77
CA THR B 81 -27.44 5.40 -4.48
C THR B 81 -26.39 4.35 -4.21
N ILE B 82 -26.54 3.65 -3.09
CA ILE B 82 -25.54 2.72 -2.63
C ILE B 82 -26.22 1.42 -2.28
N ILE B 83 -25.80 0.35 -2.93
CA ILE B 83 -26.04 -0.98 -2.41
C ILE B 83 -24.82 -1.32 -1.57
N ALA B 84 -25.00 -1.39 -0.27
CA ALA B 84 -23.96 -1.75 0.66
C ALA B 84 -24.36 -3.02 1.40
N GLN B 85 -23.36 -3.73 1.90
CA GLN B 85 -23.60 -4.97 2.60
C GLN B 85 -22.62 -5.10 3.76
N TYR B 86 -23.11 -5.62 4.88
CA TYR B 86 -22.37 -5.60 6.13
C TYR B 86 -21.59 -6.91 6.30
N LYS B 87 -20.25 -6.82 6.30
CA LYS B 87 -19.36 -7.96 6.58
C LYS B 87 -18.34 -7.57 7.62
N PRO B 88 -18.77 -7.36 8.86
CA PRO B 88 -17.79 -7.03 9.92
C PRO B 88 -16.73 -8.11 10.10
N GLU B 89 -17.09 -9.37 9.89
CA GLU B 89 -16.10 -10.43 9.85
C GLU B 89 -14.99 -10.04 8.88
N GLU B 90 -15.29 -10.01 7.58
CA GLU B 90 -14.22 -9.81 6.62
C GLU B 90 -13.55 -8.45 6.75
N TYR B 91 -14.20 -7.48 7.40
CA TYR B 91 -13.53 -6.21 7.65
C TYR B 91 -12.59 -6.31 8.83
N SER B 92 -12.98 -7.06 9.86
CA SER B 92 -12.08 -7.30 10.99
C SER B 92 -10.83 -8.02 10.52
N ARG B 93 -11.00 -9.22 9.95
CA ARG B 93 -9.90 -9.99 9.38
C ARG B 93 -9.06 -9.06 8.52
N PHE B 94 -9.73 -8.18 7.80
CA PHE B 94 -9.01 -7.13 7.09
C PHE B 94 -8.22 -6.26 8.07
N GLU B 95 -8.90 -5.60 9.00
CA GLU B 95 -8.20 -4.67 9.88
C GLU B 95 -7.23 -5.41 10.78
N ALA B 96 -7.62 -6.60 11.26
CA ALA B 96 -6.79 -7.35 12.18
C ALA B 96 -5.45 -7.65 11.55
N LYS B 97 -5.48 -8.07 10.28
CA LYS B 97 -4.27 -8.21 9.50
C LYS B 97 -3.46 -6.94 9.54
N ILE B 98 -4.07 -5.82 9.15
CA ILE B 98 -3.34 -4.56 9.17
C ILE B 98 -2.90 -4.23 10.57
N HIS B 99 -3.85 -4.19 11.50
CA HIS B 99 -3.37 -3.96 12.85
C HIS B 99 -2.29 -4.98 13.12
N ASP B 100 -2.46 -6.26 12.81
CA ASP B 100 -1.37 -7.08 13.28
C ASP B 100 -0.06 -6.81 12.53
N LEU B 101 -0.07 -6.25 11.34
CA LEU B 101 1.31 -6.15 10.84
C LEU B 101 2.05 -4.88 11.28
N ARG B 102 1.33 -3.79 11.65
CA ARG B 102 1.96 -2.52 12.05
C ARG B 102 3.17 -2.65 13.03
N GLU B 103 3.02 -3.42 14.12
CA GLU B 103 3.99 -3.57 15.20
C GLU B 103 5.04 -4.55 14.77
N GLN B 104 4.66 -5.53 13.96
CA GLN B 104 5.68 -6.30 13.27
C GLN B 104 6.60 -5.38 12.49
N LEU B 105 6.01 -4.56 11.62
CA LEU B 105 6.81 -3.59 10.87
C LEU B 105 7.55 -2.64 11.78
N MET B 106 6.81 -1.79 12.47
CA MET B 106 7.39 -0.83 13.39
C MET B 106 7.40 -1.31 14.82
N ASN B 107 8.60 -1.54 15.35
CA ASN B 107 8.84 -1.92 16.72
C ASN B 107 10.22 -2.53 16.78
N GLY B 112 -6.14 1.33 16.45
CA GLY B 112 -7.53 1.44 16.05
C GLY B 112 -7.72 2.01 14.64
N SER B 113 -6.85 2.95 14.27
CA SER B 113 -6.84 3.55 12.95
C SER B 113 -5.69 3.00 12.13
N PHE B 114 -5.60 3.45 10.87
CA PHE B 114 -4.68 2.80 9.95
C PHE B 114 -3.58 3.77 9.52
N PRO B 115 -2.36 3.27 9.31
CA PRO B 115 -1.20 4.13 8.98
C PRO B 115 -1.22 4.69 7.57
N PRO B 116 -0.51 5.80 7.33
CA PRO B 116 -0.65 6.53 6.06
C PRO B 116 -0.45 5.71 4.79
N TRP B 117 0.25 4.60 4.84
CA TRP B 117 0.61 3.90 3.63
C TRP B 117 -0.50 2.99 3.12
N VAL B 118 -1.67 3.00 3.75
CA VAL B 118 -2.83 2.29 3.19
C VAL B 118 -3.85 3.33 2.76
N GLN B 119 -4.39 3.13 1.56
CA GLN B 119 -5.36 4.06 1.01
C GLN B 119 -6.59 4.13 1.90
N GLN B 120 -6.92 5.34 2.37
CA GLN B 120 -8.30 5.61 2.76
C GLN B 120 -8.63 7.05 2.42
N THR B 121 -9.83 7.16 1.88
CA THR B 121 -10.38 8.38 1.42
C THR B 121 -11.43 8.80 2.39
N ARG B 122 -11.37 10.06 2.78
CA ARG B 122 -12.47 10.52 3.62
C ARG B 122 -13.53 11.16 2.75
N VAL B 123 -14.74 10.62 2.79
CA VAL B 123 -15.82 10.95 1.87
C VAL B 123 -17.13 11.26 2.61
#